data_8TMX
#
_entry.id   8TMX
#
_cell.length_a   59.576
_cell.length_b   69.537
_cell.length_c   156.563
_cell.angle_alpha   90.000
_cell.angle_beta   90.000
_cell.angle_gamma   90.000
#
_symmetry.space_group_name_H-M   'P 21 2 21'
#
loop_
_entity.id
_entity.type
_entity.pdbx_description
1 polymer KAI2d15
2 non-polymer GLYCEROL
3 water water
#
_entity_poly.entity_id   1
_entity_poly.type   'polypeptide(L)'
_entity_poly.pdbx_seq_one_letter_code
;GPMSTIGATHNVRVVGSGRKTIVLGNGYGTDQSVWRHLVPHLVGRYKVLLYDNMGAGTTNPDYYDFDRYATLEGFAYDLL
AILEEFNVRKCIYVGHSMAAMVGMIASIFRPDLFHKLITISATPRMSNTDDYYGGFEQEELDQMDEGLRMNHESMIRGMA
PLVVGGDMDSEAVHEYTRMLLNMRPDIALSLSRTLYAFDMRPFLGQVTVPCHILQSSKDMGVPVAVAEYLHQSLGGKSIV
EVMSAEGHLPHLSAPEITIPVLLRHIQQDI
;
_entity_poly.pdbx_strand_id   A,B
#
loop_
_chem_comp.id
_chem_comp.type
_chem_comp.name
_chem_comp.formula
GOL non-polymer GLYCEROL 'C3 H8 O3'
#
# COMPACT_ATOMS: atom_id res chain seq x y z
N GLY A 1 -13.07 -3.12 18.63
CA GLY A 1 -14.24 -2.89 17.80
C GLY A 1 -13.91 -2.30 16.44
N PRO A 2 -13.61 -1.00 16.40
CA PRO A 2 -13.33 -0.35 15.12
C PRO A 2 -11.95 -0.66 14.56
N MET A 3 -11.04 -1.21 15.35
CA MET A 3 -9.69 -1.47 14.90
C MET A 3 -9.67 -2.66 13.94
N SER A 4 -9.23 -2.42 12.70
CA SER A 4 -9.08 -3.47 11.71
C SER A 4 -7.61 -3.71 11.43
N THR A 5 -7.19 -4.97 11.47
CA THR A 5 -5.82 -5.34 11.15
C THR A 5 -5.66 -5.80 9.71
N ILE A 6 -6.75 -5.82 8.93
CA ILE A 6 -6.72 -6.41 7.60
C ILE A 6 -5.76 -5.64 6.69
N GLY A 7 -5.59 -4.34 6.93
CA GLY A 7 -4.66 -3.57 6.12
C GLY A 7 -3.21 -3.89 6.43
N ALA A 8 -2.91 -4.20 7.68
CA ALA A 8 -1.56 -4.65 8.02
C ALA A 8 -1.33 -6.09 7.57
N THR A 9 -2.26 -7.00 7.88
CA THR A 9 -2.03 -8.42 7.60
C THR A 9 -1.99 -8.71 6.10
N HIS A 10 -2.72 -7.94 5.29
CA HIS A 10 -2.79 -8.15 3.85
C HIS A 10 -1.99 -7.12 3.05
N ASN A 11 -1.17 -6.31 3.72
CA ASN A 11 -0.29 -5.35 3.04
C ASN A 11 -1.07 -4.45 2.09
N VAL A 12 -2.24 -3.99 2.54
CA VAL A 12 -3.09 -3.20 1.67
C VAL A 12 -2.46 -1.84 1.46
N ARG A 13 -2.43 -1.39 0.20
CA ARG A 13 -1.89 -0.10 -0.18
CA ARG A 13 -1.95 -0.06 -0.11
C ARG A 13 -2.85 0.60 -1.14
N VAL A 14 -3.22 1.84 -0.84
CA VAL A 14 -4.02 2.65 -1.74
C VAL A 14 -3.09 3.69 -2.32
N VAL A 15 -2.99 3.75 -3.64
CA VAL A 15 -2.18 4.74 -4.32
C VAL A 15 -3.03 5.40 -5.41
N GLY A 16 -2.45 6.39 -6.06
CA GLY A 16 -3.12 7.08 -7.14
C GLY A 16 -4.21 8.00 -6.62
N SER A 17 -5.04 8.45 -7.55
CA SER A 17 -6.12 9.37 -7.23
C SER A 17 -7.04 9.48 -8.44
N GLY A 18 -8.31 9.67 -8.19
CA GLY A 18 -9.27 9.82 -9.25
C GLY A 18 -10.64 9.40 -8.76
N ARG A 19 -11.61 9.56 -9.66
CA ARG A 19 -13.00 9.26 -9.32
C ARG A 19 -13.21 7.76 -9.11
N LYS A 20 -12.69 6.94 -10.01
CA LYS A 20 -12.90 5.50 -9.97
C LYS A 20 -11.73 4.80 -9.28
N THR A 21 -12.01 3.63 -8.71
CA THR A 21 -11.02 2.83 -8.01
C THR A 21 -10.80 1.51 -8.75
N ILE A 22 -9.54 1.13 -8.88
CA ILE A 22 -9.14 -0.16 -9.44
C ILE A 22 -8.55 -0.99 -8.31
N VAL A 23 -8.93 -2.27 -8.25
CA VAL A 23 -8.40 -3.20 -7.26
C VAL A 23 -7.66 -4.30 -8.00
N LEU A 24 -6.46 -4.64 -7.52
CA LEU A 24 -5.60 -5.61 -8.17
C LEU A 24 -5.41 -6.81 -7.25
N GLY A 25 -5.75 -8.00 -7.73
CA GLY A 25 -5.63 -9.23 -6.96
C GLY A 25 -4.58 -10.15 -7.55
N ASN A 26 -3.74 -10.71 -6.68
CA ASN A 26 -2.59 -11.48 -7.14
C ASN A 26 -2.90 -12.97 -7.29
N GLY A 27 -2.22 -13.58 -8.26
CA GLY A 27 -2.31 -15.01 -8.44
C GLY A 27 -1.47 -15.76 -7.41
N TYR A 28 -1.57 -17.08 -7.49
CA TYR A 28 -0.91 -17.98 -6.54
C TYR A 28 0.56 -17.62 -6.37
N GLY A 29 0.98 -17.52 -5.11
CA GLY A 29 2.38 -17.35 -4.80
C GLY A 29 2.98 -16.00 -5.13
N THR A 30 2.22 -15.06 -5.68
CA THR A 30 2.78 -13.77 -6.00
C THR A 30 2.35 -12.74 -4.95
N ASP A 31 3.08 -11.64 -4.91
CA ASP A 31 2.72 -10.49 -4.09
C ASP A 31 2.46 -9.31 -5.02
N GLN A 32 2.09 -8.16 -4.44
CA GLN A 32 1.60 -7.06 -5.26
C GLN A 32 2.68 -6.43 -6.14
N SER A 33 3.96 -6.70 -5.88
CA SER A 33 5.00 -6.19 -6.78
C SER A 33 4.83 -6.71 -8.20
N VAL A 34 4.05 -7.77 -8.40
CA VAL A 34 3.78 -8.27 -9.74
C VAL A 34 3.07 -7.23 -10.60
N TRP A 35 2.40 -6.25 -9.99
CA TRP A 35 1.67 -5.21 -10.73
C TRP A 35 2.50 -3.97 -10.98
N ARG A 36 3.80 -4.00 -10.72
CA ARG A 36 4.54 -2.74 -10.70
C ARG A 36 4.73 -2.11 -12.07
N HIS A 37 4.48 -2.85 -13.17
CA HIS A 37 4.50 -2.24 -14.50
C HIS A 37 3.15 -1.65 -14.88
N LEU A 38 2.08 -2.03 -14.20
CA LEU A 38 0.76 -1.51 -14.52
C LEU A 38 0.45 -0.22 -13.77
N VAL A 39 0.74 -0.21 -12.47
CA VAL A 39 0.36 0.86 -11.55
C VAL A 39 0.81 2.24 -12.06
N PRO A 40 2.04 2.40 -12.57
CA PRO A 40 2.43 3.73 -13.10
C PRO A 40 1.48 4.31 -14.12
N HIS A 41 0.82 3.49 -14.93
CA HIS A 41 -0.11 4.00 -15.92
C HIS A 41 -1.52 4.20 -15.39
N LEU A 42 -1.81 3.79 -14.16
CA LEU A 42 -3.13 3.98 -13.58
C LEU A 42 -3.23 5.20 -12.67
N VAL A 43 -2.13 5.57 -12.01
CA VAL A 43 -2.20 6.49 -10.87
C VAL A 43 -2.59 7.92 -11.27
N GLY A 44 -2.41 8.28 -12.54
CA GLY A 44 -2.78 9.63 -12.95
C GLY A 44 -4.27 9.84 -12.98
N ARG A 45 -5.05 8.79 -13.25
CA ARG A 45 -6.48 8.91 -13.41
C ARG A 45 -7.31 8.05 -12.45
N TYR A 46 -6.70 7.10 -11.75
CA TYR A 46 -7.44 6.17 -10.90
C TYR A 46 -6.81 6.08 -9.52
N LYS A 47 -7.68 5.86 -8.53
CA LYS A 47 -7.27 5.28 -7.26
C LYS A 47 -7.03 3.78 -7.44
N VAL A 48 -5.93 3.29 -6.87
CA VAL A 48 -5.56 1.88 -7.03
C VAL A 48 -5.35 1.26 -5.66
N LEU A 49 -6.02 0.13 -5.41
CA LEU A 49 -5.83 -0.62 -4.18
C LEU A 49 -5.07 -1.90 -4.49
N LEU A 50 -3.93 -2.09 -3.83
CA LEU A 50 -3.13 -3.30 -3.95
C LEU A 50 -3.14 -4.05 -2.63
N TYR A 51 -3.03 -5.38 -2.71
CA TYR A 51 -2.99 -6.18 -1.50
C TYR A 51 -2.43 -7.56 -1.84
N ASP A 52 -2.01 -8.28 -0.79
CA ASP A 52 -1.49 -9.64 -0.93
C ASP A 52 -2.47 -10.63 -0.31
N ASN A 53 -2.75 -11.70 -1.06
CA ASN A 53 -3.60 -12.76 -0.57
C ASN A 53 -2.91 -13.50 0.56
N MET A 54 -3.71 -14.04 1.47
CA MET A 54 -3.14 -14.57 2.69
C MET A 54 -2.37 -15.85 2.38
N GLY A 55 -1.15 -15.94 2.91
CA GLY A 55 -0.24 -17.02 2.60
C GLY A 55 0.89 -16.65 1.67
N ALA A 56 0.88 -15.45 1.09
CA ALA A 56 2.01 -15.04 0.27
C ALA A 56 3.26 -14.88 1.13
N GLY A 57 4.42 -14.90 0.47
CA GLY A 57 5.67 -14.76 1.20
C GLY A 57 5.80 -13.44 1.93
N THR A 58 5.14 -12.40 1.42
CA THR A 58 5.15 -11.08 2.03
C THR A 58 4.22 -10.98 3.24
N THR A 59 3.45 -12.03 3.52
CA THR A 59 2.52 -12.01 4.64
C THR A 59 3.01 -12.92 5.75
N ASN A 60 2.47 -12.70 6.94
CA ASN A 60 2.89 -13.46 8.11
C ASN A 60 2.21 -14.82 8.09
N PRO A 61 2.95 -15.92 8.02
CA PRO A 61 2.30 -17.24 7.93
C PRO A 61 1.51 -17.62 9.17
N ASP A 62 1.82 -17.03 10.33
CA ASP A 62 1.03 -17.32 11.53
C ASP A 62 -0.43 -16.95 11.38
N TYR A 63 -0.76 -16.08 10.41
CA TYR A 63 -2.14 -15.66 10.23
C TYR A 63 -2.88 -16.50 9.19
N TYR A 64 -2.21 -17.43 8.51
CA TYR A 64 -2.88 -18.28 7.53
C TYR A 64 -3.74 -19.31 8.25
N ASP A 65 -5.05 -19.16 8.11
CA ASP A 65 -6.06 -19.96 8.80
C ASP A 65 -6.45 -21.08 7.84
N PHE A 66 -5.94 -22.29 8.09
CA PHE A 66 -6.11 -23.38 7.12
C PHE A 66 -7.59 -23.66 6.84
N ASP A 67 -8.43 -23.71 7.88
CA ASP A 67 -9.85 -23.94 7.66
C ASP A 67 -10.48 -22.84 6.80
N ARG A 68 -10.12 -21.58 7.06
CA ARG A 68 -10.67 -20.46 6.28
C ARG A 68 -10.37 -20.61 4.79
N TYR A 69 -9.13 -21.00 4.45
CA TYR A 69 -8.66 -21.00 3.07
C TYR A 69 -8.67 -22.38 2.42
N ALA A 70 -9.26 -23.38 3.10
CA ALA A 70 -9.31 -24.71 2.52
C ALA A 70 -10.03 -24.71 1.18
N THR A 71 -11.07 -23.91 1.03
CA THR A 71 -11.69 -23.67 -0.26
C THR A 71 -11.65 -22.16 -0.56
N LEU A 72 -11.80 -21.83 -1.85
CA LEU A 72 -11.41 -20.50 -2.33
C LEU A 72 -12.29 -19.37 -1.81
N GLU A 73 -13.51 -19.65 -1.35
CA GLU A 73 -14.36 -18.55 -0.91
C GLU A 73 -13.77 -17.82 0.30
N GLY A 74 -12.88 -18.47 1.06
CA GLY A 74 -12.20 -17.76 2.13
C GLY A 74 -11.44 -16.54 1.64
N PHE A 75 -10.77 -16.67 0.49
CA PHE A 75 -10.12 -15.51 -0.11
C PHE A 75 -11.13 -14.50 -0.62
N ALA A 76 -12.31 -14.93 -1.05
CA ALA A 76 -13.34 -13.97 -1.43
C ALA A 76 -13.83 -13.18 -0.23
N TYR A 77 -13.98 -13.84 0.91
CA TYR A 77 -14.34 -13.12 2.14
C TYR A 77 -13.28 -12.07 2.50
N ASP A 78 -12.00 -12.43 2.38
CA ASP A 78 -10.94 -11.44 2.62
C ASP A 78 -11.10 -10.24 1.71
N LEU A 79 -11.38 -10.47 0.42
CA LEU A 79 -11.50 -9.37 -0.52
C LEU A 79 -12.65 -8.46 -0.14
N LEU A 80 -13.81 -9.03 0.21
CA LEU A 80 -14.95 -8.22 0.60
C LEU A 80 -14.65 -7.44 1.87
N ALA A 81 -13.90 -8.04 2.80
CA ALA A 81 -13.54 -7.35 4.04
C ALA A 81 -12.59 -6.19 3.77
N ILE A 82 -11.66 -6.37 2.82
CA ILE A 82 -10.79 -5.26 2.43
C ILE A 82 -11.61 -4.15 1.81
N LEU A 83 -12.55 -4.48 0.92
CA LEU A 83 -13.37 -3.44 0.31
C LEU A 83 -14.21 -2.71 1.35
N GLU A 84 -14.75 -3.44 2.34
CA GLU A 84 -15.49 -2.80 3.41
C GLU A 84 -14.60 -1.84 4.19
N GLU A 85 -13.44 -2.33 4.63
CA GLU A 85 -12.55 -1.57 5.50
C GLU A 85 -12.04 -0.31 4.81
N PHE A 86 -11.77 -0.36 3.52
CA PHE A 86 -11.20 0.78 2.83
C PHE A 86 -12.26 1.60 2.10
N ASN A 87 -13.54 1.33 2.35
CA ASN A 87 -14.64 2.16 1.87
C ASN A 87 -14.70 2.21 0.35
N VAL A 88 -14.38 1.08 -0.28
CA VAL A 88 -14.45 0.97 -1.74
C VAL A 88 -15.89 0.63 -2.09
N ARG A 89 -16.63 1.62 -2.58
CA ARG A 89 -18.06 1.47 -2.88
C ARG A 89 -18.30 0.66 -4.15
N LYS A 90 -17.38 0.76 -5.10
CA LYS A 90 -17.49 0.18 -6.43
C LYS A 90 -16.11 0.22 -7.04
N CYS A 91 -15.72 -0.85 -7.74
CA CYS A 91 -14.37 -0.90 -8.26
C CYS A 91 -14.33 -1.62 -9.60
N ILE A 92 -13.22 -1.42 -10.30
CA ILE A 92 -12.81 -2.24 -11.43
C ILE A 92 -11.82 -3.25 -10.88
N TYR A 93 -12.16 -4.53 -10.95
CA TYR A 93 -11.35 -5.59 -10.36
C TYR A 93 -10.53 -6.29 -11.44
N VAL A 94 -9.21 -6.24 -11.31
CA VAL A 94 -8.30 -6.96 -12.18
C VAL A 94 -7.68 -8.08 -11.34
N GLY A 95 -7.88 -9.32 -11.76
CA GLY A 95 -7.34 -10.45 -11.03
C GLY A 95 -6.58 -11.41 -11.91
N HIS A 96 -5.40 -11.82 -11.46
CA HIS A 96 -4.59 -12.81 -12.16
C HIS A 96 -4.92 -14.20 -11.63
N SER A 97 -5.28 -15.11 -12.54
CA SER A 97 -5.45 -16.53 -12.24
C SER A 97 -6.38 -16.76 -11.04
N MET A 98 -5.84 -17.37 -9.97
CA MET A 98 -6.56 -17.54 -8.70
C MET A 98 -7.43 -16.34 -8.32
N ALA A 99 -6.83 -15.15 -8.31
CA ALA A 99 -7.55 -13.93 -7.95
C ALA A 99 -8.67 -13.58 -8.93
N ALA A 100 -8.59 -14.04 -10.18
CA ALA A 100 -9.72 -13.85 -11.08
C ALA A 100 -10.92 -14.62 -10.59
N MET A 101 -10.67 -15.81 -10.04
CA MET A 101 -11.78 -16.65 -9.63
C MET A 101 -12.33 -16.15 -8.30
N VAL A 102 -11.43 -15.64 -7.46
CA VAL A 102 -11.81 -15.02 -6.19
C VAL A 102 -12.70 -13.82 -6.42
N GLY A 103 -12.35 -12.97 -7.40
CA GLY A 103 -13.16 -11.80 -7.68
C GLY A 103 -14.52 -12.16 -8.25
N MET A 104 -14.56 -13.22 -9.05
CA MET A 104 -15.82 -13.75 -9.56
C MET A 104 -16.74 -14.14 -8.41
N ILE A 105 -16.22 -14.96 -7.48
CA ILE A 105 -17.01 -15.41 -6.33
C ILE A 105 -17.48 -14.21 -5.53
N ALA A 106 -16.56 -13.29 -5.22
CA ALA A 106 -16.93 -12.10 -4.46
C ALA A 106 -18.00 -11.29 -5.18
N SER A 107 -17.87 -11.16 -6.50
CA SER A 107 -18.86 -10.42 -7.28
C SER A 107 -20.23 -11.09 -7.28
N ILE A 108 -20.29 -12.40 -7.05
CA ILE A 108 -21.59 -13.06 -6.90
C ILE A 108 -22.19 -12.72 -5.55
N PHE A 109 -21.39 -12.75 -4.49
CA PHE A 109 -21.90 -12.36 -3.18
C PHE A 109 -22.30 -10.89 -3.13
N ARG A 110 -21.58 -10.02 -3.84
CA ARG A 110 -21.78 -8.58 -3.71
C ARG A 110 -21.56 -7.90 -5.06
N PRO A 111 -22.48 -8.09 -6.00
CA PRO A 111 -22.31 -7.49 -7.34
C PRO A 111 -22.26 -5.97 -7.32
N ASP A 112 -22.91 -5.33 -6.35
CA ASP A 112 -22.91 -3.87 -6.27
C ASP A 112 -21.50 -3.30 -6.18
N LEU A 113 -20.55 -4.06 -5.64
CA LEU A 113 -19.21 -3.54 -5.42
C LEU A 113 -18.35 -3.56 -6.68
N PHE A 114 -18.82 -4.16 -7.76
CA PHE A 114 -17.96 -4.43 -8.91
C PHE A 114 -18.58 -3.85 -10.17
N HIS A 115 -17.92 -2.82 -10.73
CA HIS A 115 -18.33 -2.32 -12.04
C HIS A 115 -18.02 -3.35 -13.13
N LYS A 116 -16.85 -3.97 -13.06
CA LYS A 116 -16.55 -5.08 -13.96
C LYS A 116 -15.35 -5.83 -13.40
N LEU A 117 -15.14 -7.01 -13.95
CA LEU A 117 -13.97 -7.83 -13.66
C LEU A 117 -13.12 -7.96 -14.91
N ILE A 118 -11.81 -7.96 -14.72
CA ILE A 118 -10.85 -8.19 -15.79
C ILE A 118 -9.96 -9.33 -15.31
N THR A 119 -9.91 -10.41 -16.08
CA THR A 119 -9.22 -11.63 -15.68
C THR A 119 -7.98 -11.85 -16.55
N ILE A 120 -6.94 -12.41 -15.93
CA ILE A 120 -5.72 -12.81 -16.63
C ILE A 120 -5.43 -14.26 -16.28
N SER A 121 -5.37 -15.12 -17.29
CA SER A 121 -4.97 -16.51 -17.09
C SER A 121 -5.94 -17.22 -16.15
N ALA A 122 -7.23 -16.93 -16.27
CA ALA A 122 -8.22 -17.52 -15.37
C ALA A 122 -8.71 -18.86 -15.90
N THR A 123 -8.86 -19.84 -14.99
CA THR A 123 -9.47 -21.12 -15.30
C THR A 123 -10.49 -21.45 -14.22
N PRO A 124 -11.69 -21.91 -14.59
CA PRO A 124 -12.65 -22.37 -13.58
C PRO A 124 -12.36 -23.76 -13.04
N ARG A 125 -11.50 -24.53 -13.70
CA ARG A 125 -11.19 -25.90 -13.29
C ARG A 125 -10.00 -26.43 -14.07
N MET A 126 -9.02 -26.99 -13.37
CA MET A 126 -7.80 -27.47 -14.00
C MET A 126 -7.97 -28.85 -14.64
N SER A 127 -8.62 -29.79 -13.95
CA SER A 127 -8.62 -31.17 -14.41
C SER A 127 -9.75 -31.45 -15.41
N ASN A 128 -9.44 -32.26 -16.41
CA ASN A 128 -10.44 -32.65 -17.40
C ASN A 128 -11.52 -33.53 -16.78
N THR A 129 -12.69 -33.49 -17.37
CA THR A 129 -13.74 -34.48 -17.12
C THR A 129 -14.19 -35.05 -18.45
N ASP A 130 -15.21 -35.92 -18.41
CA ASP A 130 -15.70 -36.53 -19.63
C ASP A 130 -16.31 -35.52 -20.59
N ASP A 131 -16.55 -34.28 -20.15
CA ASP A 131 -17.22 -33.30 -20.99
C ASP A 131 -16.56 -31.92 -20.91
N TYR A 132 -15.44 -31.79 -20.23
CA TYR A 132 -14.78 -30.50 -20.02
C TYR A 132 -13.27 -30.67 -20.15
N TYR A 133 -12.64 -29.73 -20.85
CA TYR A 133 -11.21 -29.75 -21.09
C TYR A 133 -10.58 -28.59 -20.32
N GLY A 134 -9.87 -28.92 -19.23
CA GLY A 134 -9.18 -27.92 -18.45
C GLY A 134 -7.70 -27.86 -18.75
N GLY A 135 -7.18 -28.90 -19.41
CA GLY A 135 -5.79 -28.94 -19.78
C GLY A 135 -4.96 -29.91 -18.97
N PHE A 136 -5.51 -30.51 -17.92
CA PHE A 136 -4.80 -31.47 -17.09
C PHE A 136 -5.67 -32.68 -16.84
N GLU A 137 -5.06 -33.86 -16.93
CA GLU A 137 -5.67 -35.06 -16.38
C GLU A 137 -5.39 -35.08 -14.88
N GLN A 138 -6.29 -35.71 -14.12
CA GLN A 138 -6.12 -35.74 -12.68
C GLN A 138 -4.79 -36.38 -12.28
N GLU A 139 -4.34 -37.39 -13.03
CA GLU A 139 -3.07 -38.06 -12.74
C GLU A 139 -1.89 -37.09 -12.86
N GLU A 140 -1.96 -36.16 -13.81
CA GLU A 140 -0.95 -35.13 -13.91
C GLU A 140 -0.92 -34.27 -12.66
N LEU A 141 -2.09 -33.83 -12.20
CA LEU A 141 -2.14 -33.01 -10.99
C LEU A 141 -1.58 -33.77 -9.80
N ASP A 142 -1.90 -35.06 -9.70
CA ASP A 142 -1.37 -35.89 -8.61
C ASP A 142 0.14 -35.98 -8.68
N GLN A 143 0.69 -36.17 -9.88
CA GLN A 143 2.15 -36.27 -10.00
C GLN A 143 2.80 -34.93 -9.70
N MET A 144 2.17 -33.84 -10.13
CA MET A 144 2.72 -32.53 -9.80
CA MET A 144 2.69 -32.51 -9.80
C MET A 144 2.68 -32.28 -8.30
N ASP A 145 1.59 -32.68 -7.63
CA ASP A 145 1.53 -32.57 -6.19
C ASP A 145 2.60 -33.44 -5.53
N GLU A 146 2.82 -34.64 -6.06
CA GLU A 146 3.84 -35.52 -5.48
C GLU A 146 5.23 -34.91 -5.62
N GLY A 147 5.53 -34.30 -6.76
CA GLY A 147 6.80 -33.64 -6.91
C GLY A 147 6.97 -32.48 -5.94
N LEU A 148 5.90 -31.75 -5.68
CA LEU A 148 5.99 -30.58 -4.80
C LEU A 148 6.25 -31.02 -3.36
N ARG A 149 5.56 -32.06 -2.88
CA ARG A 149 5.78 -32.45 -1.49
C ARG A 149 7.11 -33.17 -1.30
N MET A 150 7.52 -33.96 -2.30
CA MET A 150 8.76 -34.74 -2.17
C MET A 150 10.00 -33.85 -2.12
N ASN A 151 10.01 -32.75 -2.87
CA ASN A 151 11.20 -31.89 -2.87
C ASN A 151 10.73 -30.50 -3.29
N HIS A 152 10.29 -29.74 -2.30
CA HIS A 152 9.58 -28.50 -2.53
C HIS A 152 10.43 -27.49 -3.28
N GLU A 153 11.66 -27.26 -2.82
CA GLU A 153 12.47 -26.24 -3.46
C GLU A 153 12.82 -26.62 -4.90
N SER A 154 13.20 -27.88 -5.12
CA SER A 154 13.53 -28.31 -6.48
C SER A 154 12.33 -28.21 -7.41
N MET A 155 11.15 -28.61 -6.94
CA MET A 155 9.94 -28.49 -7.76
C MET A 155 9.72 -27.04 -8.18
N ILE A 156 9.88 -26.10 -7.23
CA ILE A 156 9.60 -24.70 -7.49
C ILE A 156 10.63 -24.12 -8.45
N ARG A 157 11.92 -24.36 -8.17
CA ARG A 157 12.96 -23.84 -9.03
C ARG A 157 12.81 -24.32 -10.46
N GLY A 158 12.29 -25.54 -10.66
CA GLY A 158 12.08 -26.07 -11.98
C GLY A 158 10.80 -25.63 -12.65
N MET A 159 9.71 -25.53 -11.88
CA MET A 159 8.43 -25.14 -12.47
C MET A 159 8.34 -23.66 -12.79
N ALA A 160 8.95 -22.81 -11.98
CA ALA A 160 8.82 -21.36 -12.19
C ALA A 160 9.22 -20.92 -13.60
N PRO A 161 10.37 -21.34 -14.16
CA PRO A 161 10.65 -20.96 -15.56
C PRO A 161 9.64 -21.50 -16.56
N LEU A 162 9.16 -22.74 -16.38
CA LEU A 162 8.19 -23.28 -17.33
C LEU A 162 6.88 -22.51 -17.27
N VAL A 163 6.46 -22.14 -16.07
CA VAL A 163 5.20 -21.43 -15.90
C VAL A 163 5.29 -20.04 -16.51
N VAL A 164 6.34 -19.29 -16.16
CA VAL A 164 6.56 -17.97 -16.74
C VAL A 164 6.72 -18.08 -18.25
N GLY A 165 7.49 -19.07 -18.70
CA GLY A 165 7.69 -19.27 -20.12
C GLY A 165 8.67 -18.29 -20.72
N GLY A 166 8.93 -18.48 -22.02
CA GLY A 166 9.81 -17.63 -22.80
C GLY A 166 11.07 -17.12 -22.13
N ASP A 167 12.00 -18.02 -21.78
CA ASP A 167 13.39 -17.73 -21.42
C ASP A 167 13.63 -17.66 -19.91
N MET A 168 14.22 -18.73 -19.35
CA MET A 168 14.80 -18.68 -18.01
C MET A 168 15.98 -17.72 -17.98
N ASP A 169 16.29 -17.19 -16.80
CA ASP A 169 17.21 -16.09 -16.55
C ASP A 169 16.62 -14.76 -16.98
N SER A 170 15.40 -14.74 -17.52
CA SER A 170 14.65 -13.50 -17.57
C SER A 170 14.42 -12.99 -16.16
N GLU A 171 14.34 -11.66 -16.02
CA GLU A 171 14.14 -11.09 -14.69
C GLU A 171 12.84 -11.59 -14.07
N ALA A 172 11.80 -11.74 -14.89
CA ALA A 172 10.51 -12.18 -14.38
C ALA A 172 10.58 -13.60 -13.81
N VAL A 173 11.34 -14.49 -14.47
CA VAL A 173 11.50 -15.84 -13.94
C VAL A 173 12.12 -15.80 -12.56
N HIS A 174 13.13 -14.92 -12.38
CA HIS A 174 13.79 -14.82 -11.08
C HIS A 174 12.85 -14.30 -10.00
N GLU A 175 12.07 -13.25 -10.31
CA GLU A 175 11.14 -12.73 -9.30
C GLU A 175 10.11 -13.78 -8.92
N TYR A 176 9.50 -14.42 -9.91
CA TYR A 176 8.49 -15.44 -9.64
C TYR A 176 9.06 -16.58 -8.81
N THR A 177 10.27 -17.05 -9.17
CA THR A 177 10.91 -18.09 -8.37
C THR A 177 11.08 -17.64 -6.93
N ARG A 178 11.46 -16.38 -6.74
CA ARG A 178 11.71 -15.87 -5.39
C ARG A 178 10.41 -15.79 -4.59
N MET A 179 9.33 -15.28 -5.20
CA MET A 179 8.07 -15.23 -4.47
C MET A 179 7.56 -16.62 -4.12
N LEU A 180 7.70 -17.58 -5.05
CA LEU A 180 7.23 -18.94 -4.75
C LEU A 180 8.02 -19.52 -3.59
N LEU A 181 9.35 -19.38 -3.62
CA LEU A 181 10.19 -19.94 -2.56
C LEU A 181 9.96 -19.24 -1.22
N ASN A 182 9.50 -17.99 -1.22
CA ASN A 182 9.30 -17.30 0.05
C ASN A 182 8.04 -17.75 0.77
N MET A 183 7.16 -18.51 0.12
CA MET A 183 6.00 -19.06 0.79
C MET A 183 6.44 -20.13 1.78
N ARG A 184 5.73 -20.26 2.89
CA ARG A 184 5.97 -21.39 3.76
C ARG A 184 5.55 -22.66 3.04
N PRO A 185 6.38 -23.71 3.01
CA PRO A 185 6.06 -24.87 2.17
C PRO A 185 4.72 -25.53 2.48
N ASP A 186 4.32 -25.60 3.74
CA ASP A 186 3.04 -26.21 4.06
C ASP A 186 1.87 -25.37 3.56
N ILE A 187 2.03 -24.04 3.51
CA ILE A 187 1.00 -23.18 2.93
C ILE A 187 0.98 -23.32 1.41
N ALA A 188 2.17 -23.28 0.78
CA ALA A 188 2.24 -23.51 -0.66
C ALA A 188 1.58 -24.82 -1.07
N LEU A 189 1.83 -25.89 -0.32
CA LEU A 189 1.21 -27.18 -0.62
C LEU A 189 -0.30 -27.14 -0.45
N SER A 190 -0.75 -26.58 0.68
CA SER A 190 -2.18 -26.54 0.96
C SER A 190 -2.93 -25.75 -0.10
N LEU A 191 -2.37 -24.59 -0.50
CA LEU A 191 -3.07 -23.75 -1.48
C LEU A 191 -3.03 -24.37 -2.87
N SER A 192 -1.91 -24.99 -3.24
CA SER A 192 -1.83 -25.76 -4.47
C SER A 192 -2.93 -26.80 -4.54
N ARG A 193 -3.12 -27.54 -3.44
CA ARG A 193 -4.12 -28.60 -3.43
C ARG A 193 -5.52 -28.01 -3.53
N THR A 194 -5.75 -26.85 -2.92
CA THR A 194 -7.01 -26.15 -3.07
C THR A 194 -7.27 -25.81 -4.54
N LEU A 195 -6.25 -25.31 -5.23
CA LEU A 195 -6.45 -24.92 -6.62
C LEU A 195 -6.66 -26.13 -7.52
N TYR A 196 -6.00 -27.26 -7.19
CA TYR A 196 -6.20 -28.50 -7.95
C TYR A 196 -7.64 -29.01 -7.87
N ALA A 197 -8.30 -28.79 -6.73
CA ALA A 197 -9.65 -29.30 -6.52
C ALA A 197 -10.73 -28.26 -6.79
N PHE A 198 -10.36 -27.04 -7.12
CA PHE A 198 -11.33 -25.97 -7.31
C PHE A 198 -12.16 -26.19 -8.56
N ASP A 199 -13.46 -25.92 -8.47
CA ASP A 199 -14.37 -26.07 -9.61
C ASP A 199 -15.40 -24.95 -9.61
N MET A 200 -15.12 -23.89 -10.37
CA MET A 200 -16.04 -22.76 -10.54
C MET A 200 -17.19 -23.05 -11.50
N ARG A 201 -17.05 -24.08 -12.34
CA ARG A 201 -18.00 -24.28 -13.44
C ARG A 201 -19.46 -24.24 -13.02
N PRO A 202 -19.90 -24.93 -11.95
CA PRO A 202 -21.33 -24.86 -11.58
C PRO A 202 -21.80 -23.46 -11.26
N PHE A 203 -20.88 -22.60 -10.83
CA PHE A 203 -21.17 -21.31 -10.25
C PHE A 203 -21.09 -20.19 -11.27
N LEU A 204 -20.55 -20.49 -12.46
CA LEU A 204 -20.21 -19.47 -13.44
C LEU A 204 -21.44 -18.71 -13.92
N GLY A 205 -22.59 -19.39 -14.00
CA GLY A 205 -23.80 -18.72 -14.42
C GLY A 205 -24.26 -17.68 -13.42
N GLN A 206 -23.84 -17.79 -12.16
CA GLN A 206 -24.24 -16.82 -11.15
C GLN A 206 -23.53 -15.49 -11.31
N VAL A 207 -22.44 -15.44 -12.07
CA VAL A 207 -21.71 -14.19 -12.28
C VAL A 207 -22.54 -13.30 -13.19
N THR A 208 -22.83 -12.07 -12.74
CA THR A 208 -23.61 -11.13 -13.53
C THR A 208 -22.88 -9.87 -13.94
N VAL A 209 -21.82 -9.48 -13.24
CA VAL A 209 -21.08 -8.28 -13.65
C VAL A 209 -20.29 -8.58 -14.92
N PRO A 210 -20.00 -7.58 -15.76
CA PRO A 210 -19.26 -7.85 -17.01
C PRO A 210 -17.83 -8.30 -16.73
N CYS A 211 -17.37 -9.26 -17.53
CA CYS A 211 -16.04 -9.86 -17.39
C CYS A 211 -15.23 -9.69 -18.66
N HIS A 212 -14.03 -9.18 -18.52
CA HIS A 212 -13.08 -9.05 -19.63
C HIS A 212 -12.07 -10.18 -19.45
N ILE A 213 -12.14 -11.19 -20.31
CA ILE A 213 -11.32 -12.39 -20.20
C ILE A 213 -10.08 -12.23 -21.09
N LEU A 214 -8.93 -11.99 -20.47
CA LEU A 214 -7.66 -11.84 -21.18
C LEU A 214 -6.81 -13.07 -20.95
N GLN A 215 -6.17 -13.58 -22.00
CA GLN A 215 -5.17 -14.58 -21.68
C GLN A 215 -4.13 -14.70 -22.78
N SER A 216 -3.00 -15.25 -22.38
CA SER A 216 -1.85 -15.38 -23.24
CA SER A 216 -1.85 -15.37 -23.26
C SER A 216 -2.12 -16.38 -24.36
N SER A 217 -1.38 -16.22 -25.45
CA SER A 217 -1.45 -17.15 -26.56
C SER A 217 -0.87 -18.52 -26.21
N LYS A 218 -0.21 -18.65 -25.06
CA LYS A 218 0.39 -19.92 -24.67
C LYS A 218 0.60 -19.88 -23.16
N ASP A 219 -0.21 -20.64 -22.43
CA ASP A 219 -0.21 -20.60 -20.97
C ASP A 219 -0.25 -22.05 -20.50
N MET A 220 0.83 -22.48 -19.85
CA MET A 220 0.94 -23.88 -19.46
C MET A 220 -0.14 -24.29 -18.45
N GLY A 221 -0.74 -23.33 -17.76
CA GLY A 221 -1.80 -23.67 -16.82
C GLY A 221 -3.20 -23.52 -17.38
N VAL A 222 -3.33 -22.86 -18.52
CA VAL A 222 -4.64 -22.52 -19.05
C VAL A 222 -4.65 -22.64 -20.57
N PRO A 223 -5.25 -23.68 -21.14
CA PRO A 223 -5.46 -23.69 -22.60
C PRO A 223 -6.35 -22.53 -23.02
N VAL A 224 -6.06 -21.98 -24.19
CA VAL A 224 -6.86 -20.86 -24.70
C VAL A 224 -8.33 -21.24 -24.81
N ALA A 225 -8.63 -22.51 -25.07
CA ALA A 225 -10.02 -22.95 -25.13
C ALA A 225 -10.77 -22.68 -23.83
N VAL A 226 -10.05 -22.61 -22.70
CA VAL A 226 -10.73 -22.37 -21.43
C VAL A 226 -11.29 -20.95 -21.39
N ALA A 227 -10.55 -19.99 -21.94
CA ALA A 227 -11.06 -18.62 -22.04
C ALA A 227 -12.38 -18.58 -22.80
N GLU A 228 -12.48 -19.32 -23.90
CA GLU A 228 -13.74 -19.37 -24.63
C GLU A 228 -14.82 -20.06 -23.80
N TYR A 229 -14.46 -21.12 -23.07
CA TYR A 229 -15.42 -21.75 -22.17
C TYR A 229 -16.03 -20.73 -21.21
N LEU A 230 -15.19 -19.91 -20.58
CA LEU A 230 -15.71 -18.90 -19.66
C LEU A 230 -16.69 -17.96 -20.36
N HIS A 231 -16.33 -17.51 -21.57
CA HIS A 231 -17.17 -16.62 -22.34
C HIS A 231 -18.55 -17.21 -22.61
N GLN A 232 -18.63 -18.54 -22.77
CA GLN A 232 -19.91 -19.18 -23.03
C GLN A 232 -20.71 -19.46 -21.77
N SER A 233 -20.07 -19.42 -20.59
CA SER A 233 -20.70 -19.90 -19.37
C SER A 233 -21.08 -18.79 -18.40
N LEU A 234 -20.44 -17.64 -18.50
CA LEU A 234 -20.67 -16.55 -17.57
C LEU A 234 -22.10 -16.04 -17.70
N GLY A 235 -22.70 -15.65 -16.58
CA GLY A 235 -24.10 -15.26 -16.59
C GLY A 235 -24.36 -13.86 -17.12
N GLY A 236 -23.33 -13.02 -17.20
CA GLY A 236 -23.52 -11.67 -17.72
C GLY A 236 -22.78 -11.41 -19.02
N LYS A 237 -22.45 -10.14 -19.25
CA LYS A 237 -21.68 -9.77 -20.43
C LYS A 237 -20.22 -10.24 -20.28
N SER A 238 -19.60 -10.58 -21.40
CA SER A 238 -18.18 -10.93 -21.37
C SER A 238 -17.57 -10.73 -22.75
N ILE A 239 -16.23 -10.62 -22.76
CA ILE A 239 -15.45 -10.54 -23.99
C ILE A 239 -14.13 -11.25 -23.74
N VAL A 240 -13.58 -11.85 -24.78
CA VAL A 240 -12.32 -12.59 -24.70
C VAL A 240 -11.30 -11.90 -25.60
N GLU A 241 -10.10 -11.67 -25.08
CA GLU A 241 -8.98 -11.26 -25.91
C GLU A 241 -7.78 -12.15 -25.63
N VAL A 242 -7.36 -12.87 -26.66
CA VAL A 242 -6.12 -13.64 -26.61
C VAL A 242 -4.99 -12.70 -27.01
N MET A 243 -4.03 -12.52 -26.12
CA MET A 243 -2.95 -11.59 -26.42
C MET A 243 -1.83 -12.31 -27.16
N SER A 244 -1.00 -11.53 -27.85
CA SER A 244 0.12 -12.16 -28.54
C SER A 244 1.17 -12.67 -27.57
N ALA A 245 1.21 -12.10 -26.36
CA ALA A 245 2.20 -12.51 -25.36
C ALA A 245 1.96 -13.94 -24.91
N GLU A 246 3.05 -14.61 -24.52
CA GLU A 246 3.03 -15.94 -23.95
C GLU A 246 3.19 -15.86 -22.44
N GLY A 247 2.88 -16.95 -21.78
CA GLY A 247 3.23 -17.10 -20.38
C GLY A 247 2.01 -17.07 -19.47
N HIS A 248 2.19 -17.64 -18.28
CA HIS A 248 1.14 -17.66 -17.27
C HIS A 248 1.00 -16.31 -16.56
N LEU A 249 2.07 -15.52 -16.51
CA LEU A 249 2.09 -14.26 -15.77
C LEU A 249 2.48 -13.14 -16.73
N PRO A 250 1.66 -12.88 -17.75
CA PRO A 250 2.08 -11.93 -18.79
C PRO A 250 2.14 -10.49 -18.29
N HIS A 251 1.38 -10.16 -17.25
CA HIS A 251 1.49 -8.85 -16.63
C HIS A 251 2.85 -8.64 -15.99
N LEU A 252 3.53 -9.73 -15.64
CA LEU A 252 4.87 -9.66 -15.07
C LEU A 252 5.96 -9.78 -16.13
N SER A 253 5.82 -10.75 -17.03
CA SER A 253 6.90 -11.11 -17.95
C SER A 253 6.78 -10.46 -19.32
N ALA A 254 5.59 -9.99 -19.70
CA ALA A 254 5.39 -9.33 -20.98
C ALA A 254 4.58 -8.06 -20.79
N PRO A 255 5.06 -7.14 -19.94
CA PRO A 255 4.27 -5.92 -19.70
C PRO A 255 4.16 -5.02 -20.91
N GLU A 256 5.17 -5.01 -21.79
CA GLU A 256 5.11 -4.16 -22.97
C GLU A 256 3.91 -4.49 -23.84
N ILE A 257 3.50 -5.76 -23.86
CA ILE A 257 2.31 -6.14 -24.60
C ILE A 257 1.07 -6.10 -23.71
N THR A 258 1.22 -6.58 -22.47
CA THR A 258 0.06 -6.84 -21.61
C THR A 258 -0.52 -5.56 -21.02
N ILE A 259 0.33 -4.68 -20.50
CA ILE A 259 -0.17 -3.43 -19.91
C ILE A 259 -1.06 -2.66 -20.90
N PRO A 260 -0.68 -2.48 -22.18
CA PRO A 260 -1.60 -1.80 -23.12
C PRO A 260 -2.93 -2.52 -23.29
N VAL A 261 -2.93 -3.85 -23.31
CA VAL A 261 -4.19 -4.58 -23.37
C VAL A 261 -5.03 -4.28 -22.14
N LEU A 262 -4.40 -4.38 -20.97
CA LEU A 262 -5.10 -4.14 -19.71
C LEU A 262 -5.72 -2.75 -19.69
N LEU A 263 -4.96 -1.74 -20.10
CA LEU A 263 -5.49 -0.38 -20.07
C LEU A 263 -6.71 -0.24 -20.98
N ARG A 264 -6.67 -0.86 -22.15
CA ARG A 264 -7.80 -0.79 -23.08
C ARG A 264 -9.07 -1.34 -22.44
N HIS A 265 -8.96 -2.45 -21.71
CA HIS A 265 -10.14 -3.07 -21.12
C HIS A 265 -10.56 -2.38 -19.83
N ILE A 266 -9.65 -1.68 -19.16
CA ILE A 266 -10.05 -0.82 -18.05
C ILE A 266 -10.92 0.34 -18.56
N GLN A 267 -10.50 1.04 -19.62
CA GLN A 267 -11.26 2.21 -20.07
C GLN A 267 -12.59 1.83 -20.71
N GLN A 268 -12.59 0.85 -21.59
CA GLN A 268 -13.77 0.60 -22.42
C GLN A 268 -14.68 -0.42 -21.75
N ASP A 269 -15.98 -0.16 -21.82
CA ASP A 269 -16.98 -1.10 -21.33
C ASP A 269 -17.50 -1.94 -22.50
N ILE A 270 -17.95 -3.15 -22.18
CA ILE A 270 -18.41 -4.09 -23.20
C ILE A 270 -19.67 -3.55 -23.90
N THR B 5 15.12 -6.82 6.55
CA THR B 5 13.69 -6.96 6.85
C THR B 5 13.06 -5.62 7.25
N ILE B 6 13.89 -4.63 7.56
CA ILE B 6 13.35 -3.32 7.90
C ILE B 6 12.53 -2.74 6.75
N GLY B 7 12.89 -3.08 5.51
CA GLY B 7 12.04 -2.72 4.39
C GLY B 7 10.63 -3.26 4.55
N ALA B 8 10.51 -4.57 4.84
CA ALA B 8 9.19 -5.17 4.99
C ALA B 8 8.48 -4.67 6.24
N THR B 9 9.23 -4.48 7.32
CA THR B 9 8.64 -4.06 8.59
C THR B 9 8.00 -2.67 8.48
N HIS B 10 8.61 -1.79 7.69
CA HIS B 10 8.15 -0.42 7.53
C HIS B 10 7.43 -0.18 6.21
N ASN B 11 7.09 -1.25 5.49
CA ASN B 11 6.37 -1.17 4.21
C ASN B 11 7.04 -0.20 3.26
N VAL B 12 8.36 -0.31 3.13
CA VAL B 12 9.11 0.59 2.27
C VAL B 12 8.81 0.26 0.82
N ARG B 13 8.50 1.29 0.03
CA ARG B 13 8.22 1.13 -1.39
C ARG B 13 9.00 2.20 -2.13
N VAL B 14 9.67 1.82 -3.22
CA VAL B 14 10.48 2.75 -4.01
C VAL B 14 9.94 2.77 -5.43
N VAL B 15 9.69 3.98 -5.94
CA VAL B 15 9.10 4.18 -7.25
C VAL B 15 9.69 5.44 -7.88
N GLY B 16 9.65 5.50 -9.21
CA GLY B 16 10.22 6.62 -9.94
C GLY B 16 11.68 6.42 -10.32
N SER B 17 12.26 7.49 -10.87
CA SER B 17 13.60 7.48 -11.44
C SER B 17 14.15 8.90 -11.52
N GLY B 18 15.46 9.03 -11.34
CA GLY B 18 16.11 10.31 -11.51
C GLY B 18 17.28 10.47 -10.55
N ARG B 19 17.99 11.60 -10.71
CA ARG B 19 19.19 11.82 -9.91
C ARG B 19 18.80 12.07 -8.46
N LYS B 20 17.84 12.96 -8.24
CA LYS B 20 17.32 13.15 -6.90
C LYS B 20 16.44 11.98 -6.49
N THR B 21 16.48 11.69 -5.20
CA THR B 21 15.52 10.84 -4.53
C THR B 21 14.75 11.71 -3.54
N ILE B 22 13.43 11.56 -3.53
CA ILE B 22 12.57 12.19 -2.53
C ILE B 22 12.11 11.12 -1.56
N VAL B 23 12.24 11.40 -0.27
CA VAL B 23 11.78 10.52 0.80
C VAL B 23 10.64 11.22 1.52
N LEU B 24 9.52 10.54 1.68
CA LEU B 24 8.33 11.07 2.32
C LEU B 24 8.12 10.41 3.68
N GLY B 25 8.08 11.21 4.74
CA GLY B 25 7.85 10.71 6.08
C GLY B 25 6.47 11.13 6.56
N ASN B 26 5.74 10.19 7.15
CA ASN B 26 4.36 10.47 7.53
C ASN B 26 4.21 10.91 8.98
N GLY B 27 3.17 11.70 9.21
CA GLY B 27 2.86 12.17 10.53
C GLY B 27 2.21 11.09 11.39
N TYR B 28 1.91 11.50 12.62
CA TYR B 28 1.42 10.59 13.65
C TYR B 28 0.23 9.77 13.17
N GLY B 29 0.32 8.46 13.38
CA GLY B 29 -0.83 7.59 13.18
C GLY B 29 -1.23 7.40 11.74
N THR B 30 -0.38 7.78 10.82
CA THR B 30 -0.71 7.95 9.43
C THR B 30 0.20 7.06 8.60
N ASP B 31 -0.34 6.44 7.55
CA ASP B 31 0.49 5.61 6.68
C ASP B 31 0.72 6.32 5.34
N GLN B 32 1.53 5.70 4.48
CA GLN B 32 2.06 6.35 3.29
C GLN B 32 1.00 6.65 2.24
N SER B 33 -0.24 6.17 2.40
CA SER B 33 -1.29 6.54 1.47
C SER B 33 -1.69 8.02 1.61
N VAL B 34 -1.24 8.71 2.66
CA VAL B 34 -1.49 10.15 2.73
C VAL B 34 -0.76 10.90 1.64
N TRP B 35 0.25 10.29 1.01
CA TRP B 35 1.03 10.95 -0.03
C TRP B 35 0.51 10.64 -1.42
N ARG B 36 -0.64 9.95 -1.53
CA ARG B 36 -1.04 9.37 -2.81
C ARG B 36 -1.39 10.41 -3.88
N HIS B 37 -1.72 11.65 -3.48
CA HIS B 37 -1.94 12.70 -4.46
C HIS B 37 -0.64 13.31 -4.96
N LEU B 38 0.42 13.23 -4.17
CA LEU B 38 1.70 13.84 -4.51
C LEU B 38 2.52 12.95 -5.42
N VAL B 39 2.57 11.65 -5.12
CA VAL B 39 3.57 10.77 -5.76
C VAL B 39 3.43 10.74 -7.27
N PRO B 40 2.23 10.67 -7.88
CA PRO B 40 2.17 10.65 -9.35
C PRO B 40 2.74 11.90 -10.01
N HIS B 41 2.86 13.01 -9.30
CA HIS B 41 3.50 14.20 -9.86
C HIS B 41 5.01 14.17 -9.70
N LEU B 42 5.55 13.15 -9.05
CA LEU B 42 6.98 13.09 -8.76
C LEU B 42 7.72 12.04 -9.56
N VAL B 43 7.05 10.95 -9.96
CA VAL B 43 7.79 9.78 -10.43
C VAL B 43 8.33 9.94 -11.84
N GLY B 44 7.81 10.88 -12.63
CA GLY B 44 8.41 11.12 -13.93
C GLY B 44 9.79 11.75 -13.84
N ARG B 45 10.07 12.44 -12.73
CA ARG B 45 11.31 13.16 -12.52
C ARG B 45 12.22 12.56 -11.47
N TYR B 46 11.66 11.96 -10.42
CA TYR B 46 12.43 11.57 -9.26
C TYR B 46 12.20 10.11 -8.90
N LYS B 47 13.16 9.57 -8.16
CA LYS B 47 12.93 8.37 -7.38
C LYS B 47 12.22 8.78 -6.08
N VAL B 48 11.21 8.03 -5.69
CA VAL B 48 10.44 8.36 -4.49
C VAL B 48 10.39 7.14 -3.58
N LEU B 49 10.77 7.33 -2.32
CA LEU B 49 10.73 6.28 -1.32
C LEU B 49 9.66 6.60 -0.29
N LEU B 50 8.73 5.68 -0.10
CA LEU B 50 7.67 5.79 0.88
C LEU B 50 7.90 4.75 1.96
N TYR B 51 7.55 5.10 3.20
CA TYR B 51 7.62 4.12 4.28
C TYR B 51 6.60 4.48 5.34
N ASP B 52 6.36 3.54 6.25
CA ASP B 52 5.50 3.74 7.40
C ASP B 52 6.33 3.69 8.67
N ASN B 53 6.05 4.60 9.58
CA ASN B 53 6.67 4.54 10.89
C ASN B 53 6.03 3.44 11.72
N MET B 54 6.83 2.80 12.57
CA MET B 54 6.28 1.78 13.45
C MET B 54 5.19 2.38 14.32
N GLY B 55 4.14 1.59 14.57
CA GLY B 55 2.97 2.05 15.27
C GLY B 55 1.80 2.37 14.36
N ALA B 56 2.05 2.68 13.09
CA ALA B 56 0.96 2.89 12.16
C ALA B 56 0.11 1.63 12.04
N GLY B 57 -1.18 1.82 11.78
CA GLY B 57 -2.09 0.70 11.64
C GLY B 57 -1.71 -0.28 10.54
N THR B 58 -0.86 0.14 9.60
CA THR B 58 -0.39 -0.73 8.53
C THR B 58 0.80 -1.59 8.94
N THR B 59 1.32 -1.40 10.15
CA THR B 59 2.44 -2.18 10.63
C THR B 59 1.98 -3.13 11.73
N ASN B 60 2.81 -4.12 12.00
CA ASN B 60 2.49 -5.15 12.99
C ASN B 60 2.78 -4.63 14.39
N PRO B 61 1.77 -4.47 15.26
CA PRO B 61 2.03 -3.89 16.59
C PRO B 61 3.01 -4.70 17.42
N ASP B 62 3.19 -5.99 17.11
CA ASP B 62 4.16 -6.81 17.84
C ASP B 62 5.57 -6.26 17.72
N TYR B 63 5.87 -5.55 16.64
CA TYR B 63 7.21 -5.00 16.45
C TYR B 63 7.35 -3.58 16.99
N TYR B 64 6.32 -3.01 17.63
CA TYR B 64 6.49 -1.72 18.28
C TYR B 64 7.31 -1.91 19.56
N ASP B 65 8.56 -1.47 19.52
CA ASP B 65 9.45 -1.59 20.67
C ASP B 65 9.31 -0.32 21.50
N PHE B 66 8.62 -0.42 22.64
CA PHE B 66 8.31 0.76 23.42
C PHE B 66 9.57 1.48 23.92
N ASP B 67 10.58 0.71 24.32
CA ASP B 67 11.84 1.34 24.74
C ASP B 67 12.56 2.00 23.58
N ARG B 68 12.47 1.41 22.39
CA ARG B 68 13.08 2.01 21.22
C ARG B 68 12.40 3.32 20.84
N TYR B 69 11.08 3.36 20.93
CA TYR B 69 10.28 4.48 20.45
C TYR B 69 9.85 5.40 21.58
N ALA B 70 10.51 5.32 22.73
CA ALA B 70 10.13 6.14 23.88
C ALA B 70 10.44 7.61 23.66
N THR B 71 11.43 7.92 22.84
CA THR B 71 11.74 9.27 22.43
C THR B 71 11.69 9.34 20.91
N LEU B 72 11.49 10.55 20.39
CA LEU B 72 11.49 10.71 18.94
C LEU B 72 12.82 10.30 18.35
N GLU B 73 13.88 10.26 19.18
CA GLU B 73 15.16 9.78 18.69
C GLU B 73 15.05 8.42 18.02
N GLY B 74 14.14 7.55 18.49
CA GLY B 74 14.07 6.20 17.96
C GLY B 74 13.59 6.10 16.52
N PHE B 75 12.77 7.05 16.08
CA PHE B 75 12.30 7.02 14.70
C PHE B 75 13.35 7.48 13.68
N ALA B 76 14.33 8.28 14.10
CA ALA B 76 15.38 8.72 13.17
C ALA B 76 16.33 7.57 12.84
N TYR B 77 16.68 6.76 13.86
CA TYR B 77 17.38 5.49 13.63
C TYR B 77 16.71 4.71 12.52
N ASP B 78 15.39 4.53 12.63
CA ASP B 78 14.64 3.82 11.59
C ASP B 78 14.85 4.49 10.23
N LEU B 79 14.73 5.81 10.18
CA LEU B 79 14.90 6.53 8.91
C LEU B 79 16.29 6.28 8.34
N LEU B 80 17.34 6.50 9.13
CA LEU B 80 18.70 6.29 8.65
C LEU B 80 18.93 4.84 8.24
N ALA B 81 18.45 3.91 9.05
CA ALA B 81 18.55 2.50 8.70
C ALA B 81 17.86 2.22 7.38
N ILE B 82 16.69 2.83 7.16
CA ILE B 82 15.99 2.67 5.89
C ILE B 82 16.79 3.33 4.77
N LEU B 83 17.34 4.52 5.04
CA LEU B 83 18.10 5.22 4.02
C LEU B 83 19.33 4.42 3.62
N GLU B 84 19.96 3.75 4.58
CA GLU B 84 21.11 2.90 4.29
C GLU B 84 20.71 1.65 3.52
N GLU B 85 19.67 0.95 3.99
CA GLU B 85 19.30 -0.32 3.39
C GLU B 85 18.92 -0.18 1.92
N PHE B 86 18.31 0.94 1.55
CA PHE B 86 17.87 1.12 0.18
C PHE B 86 18.86 1.95 -0.62
N ASN B 87 20.04 2.21 -0.06
CA ASN B 87 21.16 2.84 -0.78
C ASN B 87 20.76 4.22 -1.30
N VAL B 88 20.23 5.04 -0.40
CA VAL B 88 19.87 6.41 -0.69
C VAL B 88 20.95 7.31 -0.11
N ARG B 89 21.83 7.81 -0.97
CA ARG B 89 22.75 8.88 -0.62
C ARG B 89 22.09 10.18 -1.06
N LYS B 90 21.98 11.13 -0.14
CA LYS B 90 21.34 12.41 -0.44
C LYS B 90 19.89 12.23 -0.84
N CYS B 91 18.99 12.80 -0.06
CA CYS B 91 17.57 12.79 -0.40
C CYS B 91 17.02 14.20 -0.25
N ILE B 92 15.88 14.43 -0.89
CA ILE B 92 15.00 15.52 -0.53
C ILE B 92 13.95 14.90 0.37
N TYR B 93 13.88 15.37 1.62
CA TYR B 93 13.02 14.74 2.63
C TYR B 93 11.83 15.64 2.92
N VAL B 94 10.63 15.09 2.75
CA VAL B 94 9.37 15.76 3.01
C VAL B 94 8.74 15.06 4.20
N GLY B 95 8.62 15.75 5.31
CA GLY B 95 8.07 15.18 6.53
C GLY B 95 6.90 15.99 7.04
N HIS B 96 5.82 15.29 7.38
CA HIS B 96 4.64 15.92 7.98
C HIS B 96 4.70 15.79 9.49
N SER B 97 4.55 16.92 10.17
CA SER B 97 4.47 17.00 11.63
C SER B 97 5.60 16.23 12.33
N MET B 98 5.28 15.12 13.01
CA MET B 98 6.32 14.41 13.76
C MET B 98 7.45 13.99 12.84
N ALA B 99 7.14 13.61 11.60
CA ALA B 99 8.20 13.23 10.66
C ALA B 99 9.07 14.41 10.27
N ALA B 100 8.56 15.64 10.35
CA ALA B 100 9.41 16.80 10.13
C ALA B 100 10.44 16.90 11.24
N MET B 101 10.02 16.64 12.47
CA MET B 101 10.95 16.69 13.59
C MET B 101 11.93 15.52 13.51
N VAL B 102 11.49 14.38 12.97
CA VAL B 102 12.35 13.21 12.82
C VAL B 102 13.42 13.47 11.76
N GLY B 103 13.03 13.93 10.57
CA GLY B 103 14.02 14.24 9.54
C GLY B 103 15.00 15.30 10.00
N MET B 104 14.56 16.18 10.89
CA MET B 104 15.43 17.23 11.42
C MET B 104 16.42 16.67 12.44
N ILE B 105 15.91 15.90 13.41
CA ILE B 105 16.78 15.12 14.29
C ILE B 105 17.78 14.34 13.46
N ALA B 106 17.29 13.66 12.42
CA ALA B 106 18.15 12.82 11.59
C ALA B 106 19.15 13.63 10.78
N SER B 107 18.79 14.85 10.37
CA SER B 107 19.74 15.66 9.62
C SER B 107 20.88 16.16 10.49
N ILE B 108 20.68 16.22 11.81
CA ILE B 108 21.73 16.69 12.70
C ILE B 108 22.87 15.69 12.75
N PHE B 109 22.57 14.40 12.90
CA PHE B 109 23.61 13.39 12.78
C PHE B 109 24.22 13.40 11.38
N ARG B 110 23.38 13.52 10.35
CA ARG B 110 23.74 13.14 8.99
C ARG B 110 23.38 14.22 7.99
N PRO B 111 24.07 15.38 8.02
CA PRO B 111 23.79 16.39 6.99
C PRO B 111 23.97 15.87 5.57
N ASP B 112 24.96 15.01 5.34
CA ASP B 112 25.30 14.55 4.00
C ASP B 112 24.15 13.84 3.31
N LEU B 113 23.17 13.34 4.06
CA LEU B 113 22.11 12.54 3.49
C LEU B 113 20.94 13.37 2.98
N PHE B 114 20.87 14.66 3.32
CA PHE B 114 19.71 15.49 3.02
C PHE B 114 20.11 16.71 2.19
N HIS B 115 19.72 16.70 0.92
CA HIS B 115 19.87 17.89 0.09
C HIS B 115 19.09 19.07 0.66
N LYS B 116 17.90 18.80 1.21
CA LYS B 116 17.12 19.77 1.97
C LYS B 116 15.95 19.05 2.64
N LEU B 117 15.38 19.70 3.62
CA LEU B 117 14.17 19.25 4.30
C LEU B 117 13.00 20.14 3.90
N ILE B 118 11.85 19.52 3.63
CA ILE B 118 10.58 20.22 3.48
C ILE B 118 9.63 19.71 4.56
N THR B 119 9.08 20.63 5.34
CA THR B 119 8.26 20.31 6.50
C THR B 119 6.84 20.81 6.30
N ILE B 120 5.89 19.98 6.73
CA ILE B 120 4.47 20.32 6.72
C ILE B 120 3.97 20.21 8.15
N SER B 121 3.38 21.29 8.67
CA SER B 121 2.78 21.29 9.99
C SER B 121 3.83 20.95 11.06
N ALA B 122 5.05 21.43 10.87
CA ALA B 122 6.13 21.11 11.77
C ALA B 122 6.07 22.00 13.01
N THR B 123 6.44 21.41 14.15
CA THR B 123 6.42 22.08 15.43
C THR B 123 7.54 21.51 16.29
N PRO B 124 8.30 22.35 16.99
CA PRO B 124 9.39 21.83 17.82
C PRO B 124 8.97 21.63 19.28
N ARG B 125 7.88 22.29 19.69
CA ARG B 125 7.33 22.09 21.02
C ARG B 125 5.86 22.46 21.01
N MET B 126 5.02 21.57 21.54
CA MET B 126 3.58 21.79 21.53
C MET B 126 3.15 22.73 22.64
N SER B 127 3.74 22.60 23.83
CA SER B 127 3.29 23.30 25.02
C SER B 127 3.98 24.66 25.18
N ASN B 128 3.21 25.64 25.66
CA ASN B 128 3.73 26.98 25.87
C ASN B 128 4.59 27.04 27.13
N THR B 129 5.70 27.79 27.04
CA THR B 129 6.41 28.27 28.22
C THR B 129 6.25 29.80 28.26
N ASP B 130 7.01 30.45 29.14
CA ASP B 130 6.81 31.88 29.33
C ASP B 130 7.24 32.70 28.11
N ASP B 131 8.30 32.27 27.43
CA ASP B 131 8.84 33.00 26.30
C ASP B 131 8.48 32.35 24.95
N TYR B 132 7.52 31.43 24.93
CA TYR B 132 7.25 30.64 23.74
C TYR B 132 5.77 30.33 23.64
N TYR B 133 5.26 30.41 22.43
CA TYR B 133 3.89 30.01 22.10
C TYR B 133 3.97 28.74 21.26
N GLY B 134 3.28 27.70 21.72
CA GLY B 134 3.26 26.44 20.99
C GLY B 134 1.86 26.12 20.53
N GLY B 135 0.88 26.78 21.15
CA GLY B 135 -0.53 26.60 20.84
C GLY B 135 -1.32 25.91 21.93
N PHE B 136 -0.65 25.24 22.87
CA PHE B 136 -1.33 24.46 23.89
C PHE B 136 -0.72 24.75 25.25
N GLU B 137 -1.57 25.01 26.23
CA GLU B 137 -1.13 25.00 27.61
C GLU B 137 -0.99 23.54 28.09
N GLN B 138 -0.13 23.34 29.08
CA GLN B 138 0.15 21.98 29.56
C GLN B 138 -1.13 21.28 30.02
N GLU B 139 -2.08 22.02 30.58
CA GLU B 139 -3.35 21.43 30.99
C GLU B 139 -4.13 20.90 29.79
N GLU B 140 -4.02 21.57 28.64
CA GLU B 140 -4.70 21.10 27.43
C GLU B 140 -4.13 19.78 26.95
N LEU B 141 -2.80 19.68 26.89
CA LEU B 141 -2.17 18.40 26.57
C LEU B 141 -2.50 17.35 27.60
N ASP B 142 -2.69 17.76 28.86
CA ASP B 142 -3.05 16.82 29.92
C ASP B 142 -4.45 16.27 29.70
N GLN B 143 -5.40 17.15 29.37
CA GLN B 143 -6.77 16.73 29.11
C GLN B 143 -6.83 15.81 27.89
N MET B 144 -6.05 16.12 26.85
CA MET B 144 -6.06 15.29 25.64
C MET B 144 -5.49 13.91 25.91
N ASP B 145 -4.40 13.84 26.67
CA ASP B 145 -3.89 12.55 27.12
C ASP B 145 -4.94 11.77 27.88
N GLU B 146 -5.58 12.40 28.88
CA GLU B 146 -6.57 11.72 29.68
C GLU B 146 -7.78 11.31 28.85
N GLY B 147 -8.13 12.11 27.84
CA GLY B 147 -9.23 11.74 26.97
C GLY B 147 -8.93 10.50 26.15
N LEU B 148 -7.72 10.44 25.57
CA LEU B 148 -7.30 9.24 24.85
C LEU B 148 -7.31 8.01 25.77
N ARG B 149 -6.81 8.19 26.99
CA ARG B 149 -6.73 7.05 27.90
C ARG B 149 -8.12 6.59 28.34
N MET B 150 -9.06 7.51 28.51
CA MET B 150 -10.33 7.13 29.11
C MET B 150 -11.28 6.50 28.09
N ASN B 151 -11.25 6.92 26.82
CA ASN B 151 -12.07 6.25 25.80
C ASN B 151 -11.41 6.50 24.44
N HIS B 152 -10.54 5.57 24.03
CA HIS B 152 -9.75 5.68 22.81
C HIS B 152 -10.59 6.03 21.60
N GLU B 153 -11.58 5.20 21.30
CA GLU B 153 -12.30 5.37 20.04
C GLU B 153 -13.14 6.65 20.04
N SER B 154 -13.78 6.99 21.16
CA SER B 154 -14.56 8.22 21.24
C SER B 154 -13.67 9.44 21.05
N MET B 155 -12.50 9.44 21.71
CA MET B 155 -11.55 10.52 21.53
C MET B 155 -11.20 10.73 20.07
N ILE B 156 -10.91 9.65 19.37
CA ILE B 156 -10.49 9.74 17.97
C ILE B 156 -11.63 10.19 17.08
N ARG B 157 -12.82 9.60 17.26
CA ARG B 157 -13.94 9.98 16.42
C ARG B 157 -14.24 11.48 16.52
N GLY B 158 -14.02 12.07 17.69
CA GLY B 158 -14.20 13.50 17.84
C GLY B 158 -13.03 14.32 17.35
N MET B 159 -11.80 13.92 17.71
CA MET B 159 -10.64 14.75 17.38
C MET B 159 -10.28 14.70 15.90
N ALA B 160 -10.48 13.56 15.24
CA ALA B 160 -10.04 13.43 13.85
C ALA B 160 -10.63 14.50 12.94
N PRO B 161 -11.95 14.73 12.91
CA PRO B 161 -12.47 15.86 12.10
C PRO B 161 -11.95 17.21 12.53
N LEU B 162 -11.79 17.43 13.84
CA LEU B 162 -11.18 18.67 14.32
C LEU B 162 -9.79 18.85 13.76
N VAL B 163 -8.98 17.79 13.82
CA VAL B 163 -7.59 17.89 13.41
C VAL B 163 -7.50 18.09 11.90
N VAL B 164 -8.31 17.38 11.13
CA VAL B 164 -8.30 17.55 9.68
C VAL B 164 -8.75 18.96 9.30
N GLY B 165 -9.80 19.45 9.96
CA GLY B 165 -10.30 20.80 9.72
C GLY B 165 -10.78 20.98 8.29
N GLY B 166 -10.69 22.22 7.81
CA GLY B 166 -11.14 22.51 6.46
C GLY B 166 -12.59 22.10 6.23
N ASP B 167 -12.83 21.42 5.12
CA ASP B 167 -14.18 21.02 4.75
C ASP B 167 -14.65 19.84 5.60
N MET B 168 -15.94 19.88 5.98
CA MET B 168 -16.48 18.92 6.93
C MET B 168 -17.02 17.67 6.24
N ASP B 169 -16.88 16.53 6.91
CA ASP B 169 -17.40 15.24 6.44
C ASP B 169 -16.73 14.78 5.15
N SER B 170 -15.43 15.02 5.04
CA SER B 170 -14.71 14.76 3.80
C SER B 170 -14.16 13.34 3.76
N GLU B 171 -13.76 12.94 2.55
CA GLU B 171 -13.00 11.71 2.35
C GLU B 171 -11.74 11.70 3.21
N ALA B 172 -11.08 12.84 3.33
CA ALA B 172 -9.89 12.93 4.18
C ALA B 172 -10.22 12.64 5.64
N VAL B 173 -11.36 13.13 6.12
CA VAL B 173 -11.73 12.90 7.52
C VAL B 173 -11.96 11.42 7.77
N HIS B 174 -12.58 10.72 6.81
CA HIS B 174 -12.82 9.29 6.96
C HIS B 174 -11.50 8.51 7.00
N GLU B 175 -10.58 8.80 6.08
CA GLU B 175 -9.30 8.07 6.08
C GLU B 175 -8.49 8.34 7.34
N TYR B 176 -8.45 9.60 7.81
CA TYR B 176 -7.69 9.90 9.00
C TYR B 176 -8.28 9.18 10.22
N THR B 177 -9.61 9.24 10.34
CA THR B 177 -10.28 8.51 11.40
C THR B 177 -9.94 7.02 11.32
N ARG B 178 -10.00 6.46 10.12
CA ARG B 178 -9.71 5.05 9.94
C ARG B 178 -8.28 4.71 10.33
N MET B 179 -7.29 5.53 9.93
CA MET B 179 -5.94 5.14 10.31
C MET B 179 -5.70 5.32 11.81
N LEU B 180 -6.28 6.35 12.43
CA LEU B 180 -6.08 6.48 13.87
C LEU B 180 -6.77 5.35 14.63
N LEU B 181 -7.96 4.93 14.18
CA LEU B 181 -8.65 3.82 14.84
C LEU B 181 -7.94 2.49 14.65
N ASN B 182 -7.06 2.38 13.67
CA ASN B 182 -6.33 1.13 13.47
C ASN B 182 -5.04 1.04 14.27
N MET B 183 -4.67 2.08 15.01
CA MET B 183 -3.50 1.93 15.86
C MET B 183 -3.91 1.15 17.10
N ARG B 184 -2.99 0.38 17.66
CA ARG B 184 -3.28 -0.27 18.92
C ARG B 184 -3.30 0.77 20.03
N PRO B 185 -4.30 0.76 20.91
CA PRO B 185 -4.47 1.92 21.82
C PRO B 185 -3.27 2.19 22.72
N ASP B 186 -2.57 1.16 23.18
CA ASP B 186 -1.41 1.40 24.03
C ASP B 186 -0.27 2.07 23.26
N ILE B 187 -0.13 1.72 21.97
CA ILE B 187 0.85 2.40 21.13
C ILE B 187 0.46 3.87 20.94
N ALA B 188 -0.79 4.09 20.58
CA ALA B 188 -1.29 5.47 20.41
C ALA B 188 -1.06 6.30 21.66
N LEU B 189 -1.38 5.74 22.83
CA LEU B 189 -1.12 6.44 24.08
C LEU B 189 0.37 6.73 24.25
N SER B 190 1.21 5.73 24.02
CA SER B 190 2.65 5.90 24.17
C SER B 190 3.17 7.01 23.26
N LEU B 191 2.94 6.86 21.96
CA LEU B 191 3.45 7.82 20.99
C LEU B 191 2.92 9.23 21.21
N SER B 192 1.63 9.35 21.54
CA SER B 192 1.05 10.68 21.78
CA SER B 192 1.06 10.68 21.77
C SER B 192 1.73 11.38 22.94
N ARG B 193 2.03 10.65 24.02
CA ARG B 193 2.62 11.28 25.19
C ARG B 193 4.02 11.80 24.88
N THR B 194 4.79 11.03 24.11
CA THR B 194 6.09 11.50 23.62
C THR B 194 5.94 12.80 22.84
N LEU B 195 5.05 12.82 21.86
CA LEU B 195 4.85 14.03 21.08
C LEU B 195 4.42 15.20 21.96
N TYR B 196 3.67 14.91 23.03
CA TYR B 196 3.16 15.97 23.90
C TYR B 196 4.26 16.61 24.73
N ALA B 197 5.35 15.90 24.99
CA ALA B 197 6.41 16.42 25.84
C ALA B 197 7.72 16.63 25.08
N PHE B 198 7.70 16.42 23.77
CA PHE B 198 8.89 16.61 22.95
C PHE B 198 9.30 18.08 22.87
N ASP B 199 10.60 18.32 22.75
CA ASP B 199 11.14 19.68 22.68
C ASP B 199 12.38 19.66 21.79
N MET B 200 12.26 20.18 20.58
CA MET B 200 13.34 20.15 19.60
C MET B 200 14.26 21.36 19.67
N ARG B 201 13.80 22.44 20.29
CA ARG B 201 14.49 23.74 20.28
C ARG B 201 16.00 23.69 20.48
N PRO B 202 16.56 23.03 21.50
CA PRO B 202 18.03 23.08 21.70
C PRO B 202 18.81 22.46 20.55
N PHE B 203 18.14 21.79 19.62
CA PHE B 203 18.81 21.13 18.53
C PHE B 203 18.64 21.85 17.20
N LEU B 204 17.69 22.78 17.12
CA LEU B 204 17.43 23.50 15.88
C LEU B 204 18.69 24.17 15.34
N GLY B 205 19.47 24.80 16.22
CA GLY B 205 20.69 25.46 15.79
C GLY B 205 21.67 24.55 15.08
N GLN B 206 21.62 23.24 15.38
CA GLN B 206 22.48 22.29 14.69
C GLN B 206 21.87 21.77 13.40
N VAL B 207 20.60 22.08 13.16
CA VAL B 207 20.00 21.81 11.85
C VAL B 207 20.59 22.83 10.90
N THR B 208 21.55 22.40 10.08
CA THR B 208 22.22 23.27 9.12
C THR B 208 21.78 23.04 7.70
N VAL B 209 21.16 21.90 7.41
CA VAL B 209 20.56 21.64 6.10
C VAL B 209 19.46 22.67 5.85
N PRO B 210 19.25 23.14 4.62
CA PRO B 210 18.18 24.13 4.40
C PRO B 210 16.80 23.50 4.51
N CYS B 211 15.87 24.27 5.07
CA CYS B 211 14.54 23.78 5.40
C CYS B 211 13.47 24.67 4.80
N HIS B 212 12.59 24.09 4.01
CA HIS B 212 11.38 24.75 3.52
C HIS B 212 10.25 24.47 4.49
N ILE B 213 9.75 25.50 5.17
CA ILE B 213 8.75 25.36 6.23
C ILE B 213 7.39 25.73 5.66
N LEU B 214 6.59 24.73 5.32
CA LEU B 214 5.24 24.95 4.81
C LEU B 214 4.21 24.78 5.91
N GLN B 215 3.32 25.74 6.04
CA GLN B 215 2.38 25.75 7.13
C GLN B 215 1.00 26.09 6.59
N SER B 216 0.03 25.25 6.92
CA SER B 216 -1.34 25.59 6.61
C SER B 216 -1.82 26.71 7.52
N SER B 217 -2.81 27.45 7.05
CA SER B 217 -3.57 28.30 7.94
C SER B 217 -4.57 27.45 8.70
N LYS B 218 -4.86 27.86 9.94
CA LYS B 218 -5.85 27.18 10.78
C LYS B 218 -5.48 25.70 10.98
N ASP B 219 -4.25 25.47 11.43
CA ASP B 219 -3.78 24.17 11.84
C ASP B 219 -3.91 24.12 13.37
N MET B 220 -4.88 23.34 13.85
CA MET B 220 -5.14 23.31 15.30
C MET B 220 -3.93 22.86 16.11
N GLY B 221 -2.95 22.20 15.50
CA GLY B 221 -1.78 21.76 16.22
C GLY B 221 -0.54 22.64 16.09
N VAL B 222 -0.55 23.57 15.13
CA VAL B 222 0.61 24.44 14.90
C VAL B 222 0.14 25.86 14.58
N PRO B 223 0.25 26.80 15.50
CA PRO B 223 -0.04 28.21 15.16
C PRO B 223 0.96 28.72 14.13
N VAL B 224 0.54 29.74 13.39
CA VAL B 224 1.38 30.28 12.33
C VAL B 224 2.69 30.82 12.88
N ALA B 225 2.69 31.31 14.13
CA ALA B 225 3.92 31.82 14.72
C ALA B 225 5.01 30.76 14.84
N VAL B 226 4.63 29.48 14.89
CA VAL B 226 5.63 28.43 15.07
C VAL B 226 6.49 28.29 13.82
N ALA B 227 5.90 28.48 12.64
CA ALA B 227 6.69 28.44 11.42
C ALA B 227 7.75 29.55 11.43
N GLU B 228 7.39 30.72 11.96
CA GLU B 228 8.36 31.80 12.02
C GLU B 228 9.43 31.53 13.06
N TYR B 229 9.06 30.91 14.19
CA TYR B 229 10.07 30.50 15.17
C TYR B 229 11.09 29.55 14.55
N LEU B 230 10.62 28.53 13.84
CA LEU B 230 11.54 27.61 13.19
C LEU B 230 12.43 28.34 12.20
N HIS B 231 11.86 29.31 11.47
CA HIS B 231 12.64 30.08 10.51
C HIS B 231 13.76 30.83 11.21
N GLN B 232 13.50 31.32 12.42
CA GLN B 232 14.50 32.09 13.17
C GLN B 232 15.57 31.20 13.78
N SER B 233 15.27 29.94 14.05
CA SER B 233 16.07 29.10 14.93
C SER B 233 16.97 28.12 14.22
N LEU B 234 16.62 27.71 13.01
CA LEU B 234 17.42 26.71 12.31
C LEU B 234 18.81 27.27 12.03
N GLY B 235 19.81 26.38 12.03
CA GLY B 235 21.18 26.81 11.85
C GLY B 235 21.54 27.17 10.43
N GLY B 236 20.83 26.63 9.45
CA GLY B 236 21.13 26.90 8.06
C GLY B 236 20.08 27.75 7.38
N LYS B 237 19.97 27.61 6.06
CA LYS B 237 19.00 28.38 5.30
C LYS B 237 17.59 27.87 5.59
N SER B 238 16.63 28.80 5.58
CA SER B 238 15.23 28.40 5.72
C SER B 238 14.35 29.45 5.06
N ILE B 239 13.15 29.01 4.69
CA ILE B 239 12.11 29.89 4.18
C ILE B 239 10.78 29.34 4.64
N VAL B 240 9.83 30.23 4.90
CA VAL B 240 8.48 29.88 5.32
C VAL B 240 7.51 30.20 4.19
N GLU B 241 6.59 29.27 3.91
CA GLU B 241 5.43 29.58 3.10
C GLU B 241 4.18 29.18 3.84
N VAL B 242 3.35 30.15 4.18
CA VAL B 242 2.04 29.90 4.75
C VAL B 242 1.08 29.65 3.58
N MET B 243 0.38 28.54 3.64
CA MET B 243 -0.46 28.08 2.54
C MET B 243 -1.90 28.51 2.78
N SER B 244 -2.67 28.60 1.70
CA SER B 244 -4.08 28.94 1.88
C SER B 244 -4.91 27.73 2.29
N ALA B 245 -4.38 26.52 2.12
CA ALA B 245 -5.06 25.33 2.61
C ALA B 245 -5.19 25.37 4.13
N GLU B 246 -6.31 24.85 4.64
CA GLU B 246 -6.55 24.78 6.08
C GLU B 246 -6.32 23.37 6.60
N GLY B 247 -5.98 23.28 7.89
CA GLY B 247 -6.01 22.02 8.60
C GLY B 247 -4.62 21.42 8.78
N HIS B 248 -4.61 20.37 9.60
CA HIS B 248 -3.35 19.76 10.04
C HIS B 248 -2.73 18.85 8.99
N LEU B 249 -3.52 18.35 8.03
CA LEU B 249 -3.02 17.37 7.05
C LEU B 249 -3.37 17.84 5.64
N PRO B 250 -2.86 19.01 5.23
CA PRO B 250 -3.29 19.58 3.95
C PRO B 250 -2.85 18.76 2.75
N HIS B 251 -1.79 17.95 2.88
CA HIS B 251 -1.40 17.07 1.80
C HIS B 251 -2.45 16.00 1.55
N LEU B 252 -3.26 15.70 2.56
CA LEU B 252 -4.34 14.72 2.50
C LEU B 252 -5.67 15.36 2.17
N SER B 253 -5.99 16.49 2.81
CA SER B 253 -7.30 17.11 2.72
C SER B 253 -7.40 18.20 1.67
N ALA B 254 -6.29 18.82 1.28
CA ALA B 254 -6.31 19.90 0.28
C ALA B 254 -5.18 19.71 -0.71
N PRO B 255 -5.11 18.54 -1.37
CA PRO B 255 -3.99 18.30 -2.30
C PRO B 255 -3.97 19.27 -3.46
N GLU B 256 -5.12 19.76 -3.92
CA GLU B 256 -5.13 20.66 -5.07
C GLU B 256 -4.39 21.96 -4.80
N ILE B 257 -4.31 22.36 -3.53
CA ILE B 257 -3.48 23.50 -3.14
C ILE B 257 -2.09 23.06 -2.76
N THR B 258 -1.99 21.99 -1.98
CA THR B 258 -0.74 21.68 -1.31
C THR B 258 0.28 21.07 -2.26
N ILE B 259 -0.17 20.24 -3.20
CA ILE B 259 0.78 19.58 -4.11
C ILE B 259 1.56 20.58 -4.95
N PRO B 260 0.92 21.59 -5.58
CA PRO B 260 1.73 22.58 -6.33
C PRO B 260 2.72 23.33 -5.46
N VAL B 261 2.36 23.67 -4.22
CA VAL B 261 3.33 24.27 -3.32
C VAL B 261 4.49 23.33 -3.05
N LEU B 262 4.18 22.05 -2.77
CA LEU B 262 5.22 21.05 -2.56
C LEU B 262 6.15 20.95 -3.76
N LEU B 263 5.57 20.86 -4.96
CA LEU B 263 6.39 20.69 -6.16
C LEU B 263 7.31 21.89 -6.35
N ARG B 264 6.79 23.08 -6.11
CA ARG B 264 7.59 24.30 -6.19
C ARG B 264 8.82 24.23 -5.28
N HIS B 265 8.61 23.86 -4.02
CA HIS B 265 9.71 23.82 -3.05
C HIS B 265 10.64 22.63 -3.26
N ILE B 266 10.17 21.55 -3.87
CA ILE B 266 11.06 20.45 -4.20
C ILE B 266 12.05 20.89 -5.28
N GLN B 267 11.62 21.73 -6.22
CA GLN B 267 12.44 22.09 -7.37
C GLN B 267 13.22 23.37 -7.18
N GLN B 268 12.74 24.31 -6.36
CA GLN B 268 13.40 25.60 -6.17
C GLN B 268 14.07 25.62 -4.80
N ASP B 269 15.39 25.60 -4.80
CA ASP B 269 16.13 25.73 -3.55
C ASP B 269 16.53 27.18 -3.31
N ILE B 270 16.54 27.56 -2.03
CA ILE B 270 17.03 28.86 -1.58
C ILE B 270 16.95 28.89 -0.06
C1 GOL C . -2.23 -21.23 -11.49
O1 GOL C . -2.75 -22.37 -10.85
C2 GOL C . -1.91 -20.16 -10.40
O2 GOL C . -1.38 -18.98 -10.91
C3 GOL C . -3.23 -19.86 -9.71
O3 GOL C . -3.15 -18.48 -9.45
C1 GOL D . 2.13 -23.58 -8.91
O1 GOL D . 3.37 -23.26 -9.49
C2 GOL D . 2.04 -25.14 -8.84
O2 GOL D . 3.12 -25.70 -8.16
C3 GOL D . 0.69 -25.42 -8.12
O3 GOL D . -0.27 -24.58 -8.69
C1 GOL E . 2.48 5.82 -7.88
O1 GOL E . 2.35 5.43 -6.54
C2 GOL E . 2.84 4.50 -8.61
O2 GOL E . 3.20 4.71 -9.93
C3 GOL E . 4.01 4.02 -7.80
O3 GOL E . 4.18 2.66 -8.08
C1 GOL F . 2.01 14.68 14.88
O1 GOL F . 2.51 14.01 13.72
C2 GOL F . 0.47 14.77 14.72
O2 GOL F . 0.09 15.08 13.42
C3 GOL F . 0.01 15.82 15.75
O3 GOL F . 0.49 15.36 16.97
#